data_5R52
#
_entry.id   5R52
#
_cell.length_a   49.570
_cell.length_b   52.370
_cell.length_c   101.880
_cell.angle_alpha   90.000
_cell.angle_beta   90.000
_cell.angle_gamma   90.000
#
_symmetry.space_group_name_H-M   'P 21 21 21'
#
loop_
_entity.id
_entity.type
_entity.pdbx_description
1 polymer 'Uridine diphosphate glucose pyrophosphatase NUDT22'
2 non-polymer 'methyl (2~{S},4~{R})-1-(furan-2-ylcarbonyl)-4-oxidanyl-pyrrolidine-2-carboxylate'
3 non-polymer 'DIMETHYL SULFOXIDE'
4 water water
#
_entity_poly.entity_id   1
_entity_poly.type   'polypeptide(L)'
_entity_poly.pdbx_seq_one_letter_code
;SMDPEVTLLLQCPGGGLPQEQIQAELSPAHDRRPLPGGDEAITAIWETRLKAQPWLFDAPKFRLHSATLAPIGSRGPQLL
LRLGLTSYRDFLGTNWSSSAAWLRQQGATDWGDTQAYLADPLGVGAALATADDFLVFLRRSRQVAEAPGLVDVPGGHPEP
QALCPGGSPQHQDLAGQLVVHELFSSVLQEICDEVNLPLLTLSQPLLLGIARNETSAGRASAEFYVQCSLTSEQVRKHYL
SGGPEAHESTGIFFVETQNVRRLPETEMWAELCPSAKGAIILYNRVQGSPTGAALGSPALLPPL
;
_entity_poly.pdbx_strand_id   A
#
# COMPACT_ATOMS: atom_id res chain seq x y z
N ASP A 3 11.00 13.70 3.46
N ASP A 3 10.91 13.74 2.25
CA ASP A 3 10.45 12.34 3.71
CA ASP A 3 10.69 12.72 3.29
C ASP A 3 11.32 11.31 2.99
C ASP A 3 11.39 11.42 2.88
N PRO A 4 12.57 11.09 3.45
CA PRO A 4 13.45 10.09 2.86
C PRO A 4 12.91 8.67 3.02
N GLU A 5 11.92 8.42 3.89
CA GLU A 5 11.50 7.01 4.10
C GLU A 5 10.42 6.63 3.08
N VAL A 6 9.93 7.55 2.25
CA VAL A 6 8.96 7.20 1.16
C VAL A 6 9.40 7.77 -0.21
N THR A 7 9.35 6.94 -1.26
CA THR A 7 9.62 7.34 -2.67
C THR A 7 8.39 7.01 -3.53
N LEU A 8 7.98 7.89 -4.44
CA LEU A 8 6.88 7.55 -5.39
C LEU A 8 7.44 6.78 -6.59
N LEU A 9 6.91 5.61 -6.87
CA LEU A 9 7.29 4.86 -8.08
C LEU A 9 6.33 5.20 -9.23
N LEU A 10 5.06 5.48 -8.97
CA LEU A 10 4.02 5.74 -10.01
C LEU A 10 3.03 6.77 -9.46
N GLN A 11 2.71 7.82 -10.24
CA GLN A 11 1.55 8.71 -10.04
C GLN A 11 0.56 8.49 -11.19
N CYS A 12 -0.65 8.04 -10.94
CA CYS A 12 -1.65 7.77 -12.00
C CYS A 12 -2.25 9.05 -12.54
N PRO A 13 -2.60 9.03 -13.85
CA PRO A 13 -3.29 10.14 -14.49
C PRO A 13 -4.81 10.09 -14.32
N GLY A 14 -5.49 11.14 -14.74
CA GLY A 14 -6.95 11.19 -14.84
C GLY A 14 -7.67 11.21 -13.52
N GLY A 15 -6.98 11.50 -12.40
CA GLY A 15 -7.59 11.44 -11.07
C GLY A 15 -7.54 10.02 -10.50
N GLY A 16 -6.94 9.06 -11.19
CA GLY A 16 -6.75 7.67 -10.72
C GLY A 16 -7.33 6.69 -11.72
N LEU A 17 -6.78 5.49 -11.80
CA LEU A 17 -7.23 4.48 -12.79
C LEU A 17 -8.21 3.45 -12.22
N PRO A 18 -9.31 3.18 -12.97
CA PRO A 18 -10.19 2.06 -12.63
C PRO A 18 -9.60 0.71 -13.05
N GLN A 19 -10.16 -0.36 -12.46
CA GLN A 19 -9.74 -1.74 -12.71
C GLN A 19 -9.63 -2.06 -14.23
N GLU A 20 -10.61 -1.61 -15.02
CA GLU A 20 -10.75 -1.97 -16.46
C GLU A 20 -9.60 -1.39 -17.30
N GLN A 21 -8.82 -0.46 -16.74
CA GLN A 21 -7.73 0.21 -17.50
C GLN A 21 -6.37 -0.36 -17.14
N ILE A 22 -6.28 -1.43 -16.36
CA ILE A 22 -4.98 -1.98 -15.89
C ILE A 22 -4.82 -3.42 -16.38
N GLN A 23 -3.63 -3.70 -16.90
CA GLN A 23 -3.14 -5.03 -17.31
C GLN A 23 -2.10 -5.54 -16.30
N ALA A 24 -2.07 -6.84 -16.00
CA ALA A 24 -0.97 -7.43 -15.20
C ALA A 24 -0.28 -8.52 -16.04
N GLU A 25 1.03 -8.65 -15.88
CA GLU A 25 1.85 -9.75 -16.43
C GLU A 25 2.44 -10.46 -15.21
N LEU A 26 1.92 -11.65 -14.87
CA LEU A 26 2.40 -12.48 -13.71
C LEU A 26 3.30 -13.55 -14.28
N SER A 27 4.60 -13.47 -14.03
CA SER A 27 5.67 -14.26 -14.72
C SER A 27 6.77 -14.62 -13.75
N PRO A 28 7.33 -15.87 -13.80
CA PRO A 28 8.50 -16.20 -12.98
C PRO A 28 9.76 -15.39 -13.38
N ALA A 29 9.78 -14.71 -14.53
CA ALA A 29 10.84 -13.71 -14.85
C ALA A 29 10.85 -12.51 -13.88
N HIS A 30 9.75 -12.28 -13.14
CA HIS A 30 9.56 -11.11 -12.25
C HIS A 30 9.81 -11.51 -10.78
N ASP A 31 10.28 -12.74 -10.57
CA ASP A 31 10.58 -13.25 -9.21
C ASP A 31 11.89 -12.67 -8.67
N ARG A 32 12.09 -12.75 -7.36
CA ARG A 32 13.39 -12.51 -6.71
C ARG A 32 14.45 -13.48 -7.30
N ARG A 33 15.68 -13.01 -7.41
CA ARG A 33 16.85 -13.86 -7.80
C ARG A 33 17.33 -14.64 -6.58
N PRO A 34 17.78 -15.91 -6.76
CA PRO A 34 18.38 -16.63 -5.62
C PRO A 34 19.53 -15.82 -4.99
N LEU A 35 19.72 -15.89 -3.66
CA LEU A 35 20.80 -15.11 -2.97
C LEU A 35 22.17 -15.63 -3.42
N PRO A 36 23.19 -14.75 -3.46
CA PRO A 36 24.53 -15.13 -3.94
C PRO A 36 25.12 -16.43 -3.35
N GLY A 37 24.98 -16.61 -2.03
CA GLY A 37 25.51 -17.75 -1.29
C GLY A 37 24.42 -18.77 -1.03
N GLY A 38 23.25 -18.56 -1.62
CA GLY A 38 22.16 -19.55 -1.65
C GLY A 38 21.04 -19.14 -0.70
N ASP A 39 19.84 -19.64 -1.00
CA ASP A 39 18.61 -19.33 -0.19
C ASP A 39 18.62 -20.07 1.16
N GLU A 40 19.62 -20.91 1.45
CA GLU A 40 19.81 -21.47 2.81
C GLU A 40 19.82 -20.40 3.92
N ALA A 41 20.26 -19.17 3.66
CA ALA A 41 20.27 -18.08 4.68
C ALA A 41 18.82 -17.73 5.08
N ILE A 42 17.88 -17.77 4.13
CA ILE A 42 16.42 -17.50 4.40
C ILE A 42 15.84 -18.62 5.27
N THR A 43 16.10 -19.85 4.89
CA THR A 43 15.67 -21.07 5.59
C THR A 43 16.17 -21.02 7.02
N ALA A 44 17.44 -20.63 7.28
CA ALA A 44 17.99 -20.54 8.66
C ALA A 44 17.22 -19.52 9.50
N ILE A 45 16.98 -18.31 8.99
CA ILE A 45 16.23 -17.27 9.73
C ILE A 45 14.83 -17.81 10.08
N TRP A 46 14.17 -18.48 9.13
CA TRP A 46 12.78 -18.99 9.34
C TRP A 46 12.76 -20.09 10.42
N GLU A 47 13.71 -21.02 10.36
CA GLU A 47 13.89 -22.09 11.38
C GLU A 47 14.06 -21.49 12.77
N THR A 48 14.93 -20.49 12.94
CA THR A 48 15.16 -19.79 14.22
C THR A 48 13.84 -19.19 14.71
N ARG A 49 13.09 -18.58 13.80
CA ARG A 49 11.82 -17.89 14.17
C ARG A 49 10.79 -18.93 14.60
N LEU A 50 10.58 -20.00 13.83
CA LEU A 50 9.57 -21.03 14.17
C LEU A 50 9.94 -21.73 15.48
N LYS A 51 11.23 -21.85 15.83
CA LYS A 51 11.63 -22.54 17.09
C LYS A 51 11.33 -21.66 18.33
N ALA A 52 11.04 -20.38 18.16
CA ALA A 52 10.60 -19.44 19.22
C ALA A 52 9.07 -19.25 19.17
N GLN A 53 8.48 -19.22 17.97
CA GLN A 53 7.05 -18.93 17.75
C GLN A 53 6.49 -20.00 16.80
N PRO A 54 6.26 -21.24 17.26
CA PRO A 54 5.86 -22.34 16.37
C PRO A 54 4.46 -22.24 15.75
N TRP A 55 3.61 -21.30 16.23
CA TRP A 55 2.26 -21.00 15.70
C TRP A 55 2.32 -20.12 14.44
N LEU A 56 3.49 -19.63 14.06
CA LEU A 56 3.59 -18.79 12.82
C LEU A 56 3.39 -19.65 11.57
N PHE A 57 2.88 -19.06 10.48
CA PHE A 57 2.70 -19.81 9.22
C PHE A 57 3.16 -18.92 8.05
N ASP A 58 3.66 -19.58 7.02
CA ASP A 58 4.02 -18.90 5.74
C ASP A 58 2.73 -18.63 4.94
N ALA A 59 2.83 -17.76 3.95
CA ALA A 59 1.74 -17.44 2.99
C ALA A 59 2.36 -16.87 1.73
N PRO A 60 1.83 -17.20 0.55
CA PRO A 60 2.28 -16.58 -0.71
C PRO A 60 1.86 -15.11 -0.76
N LYS A 61 2.62 -14.32 -1.53
CA LYS A 61 2.38 -12.87 -1.73
C LYS A 61 2.74 -12.51 -3.18
N PHE A 62 2.12 -11.47 -3.73
CA PHE A 62 2.56 -10.92 -5.04
C PHE A 62 3.86 -10.12 -4.83
N ARG A 63 4.78 -10.23 -5.79
CA ARG A 63 6.03 -9.42 -5.83
C ARG A 63 5.85 -8.32 -6.90
N LEU A 64 6.13 -7.06 -6.57
CA LEU A 64 6.25 -5.99 -7.59
C LEU A 64 7.62 -6.03 -8.24
N HIS A 65 7.69 -6.23 -9.57
CA HIS A 65 8.92 -6.00 -10.35
C HIS A 65 8.98 -4.55 -10.88
N SER A 66 7.92 -4.09 -11.50
CA SER A 66 7.90 -2.75 -12.16
C SER A 66 6.48 -2.42 -12.63
N ALA A 67 6.22 -1.15 -12.94
CA ALA A 67 4.89 -0.69 -13.41
C ALA A 67 5.10 0.38 -14.49
N THR A 68 4.67 0.13 -15.75
CA THR A 68 4.86 1.06 -16.89
C THR A 68 3.53 1.73 -17.27
N LEU A 69 3.47 3.07 -17.22
CA LEU A 69 2.29 3.86 -17.66
C LEU A 69 2.36 4.10 -19.18
N ALA A 70 1.20 4.00 -19.85
CA ALA A 70 1.02 4.35 -21.27
C ALA A 70 1.31 5.84 -21.45
N PRO A 71 1.58 6.29 -22.69
CA PRO A 71 1.63 7.73 -22.98
C PRO A 71 0.33 8.42 -22.53
N ILE A 72 0.40 9.56 -21.82
CA ILE A 72 -0.85 10.20 -21.30
C ILE A 72 -1.79 10.60 -22.45
N GLY A 73 -3.08 10.48 -22.17
CA GLY A 73 -4.16 10.84 -23.10
C GLY A 73 -4.49 9.77 -24.11
N SER A 74 -3.83 8.61 -24.05
CA SER A 74 -3.98 7.49 -25.03
C SER A 74 -5.28 6.71 -24.74
N ARG A 75 -5.75 6.02 -25.77
CA ARG A 75 -6.89 5.07 -25.69
C ARG A 75 -6.31 3.72 -25.28
N GLY A 76 -7.14 2.81 -24.80
CA GLY A 76 -6.68 1.46 -24.51
C GLY A 76 -6.08 1.36 -23.10
N PRO A 77 -5.51 0.19 -22.74
CA PRO A 77 -4.95 -0.01 -21.39
C PRO A 77 -3.89 1.05 -21.01
N GLN A 78 -3.98 1.53 -19.78
CA GLN A 78 -3.18 2.69 -19.34
C GLN A 78 -2.00 2.27 -18.48
N LEU A 79 -2.00 1.08 -17.89
CA LEU A 79 -0.88 0.65 -17.00
C LEU A 79 -0.62 -0.82 -17.20
N LEU A 80 0.65 -1.19 -17.19
CA LEU A 80 1.13 -2.61 -17.15
C LEU A 80 1.85 -2.83 -15.81
N LEU A 81 1.33 -3.70 -14.98
CA LEU A 81 1.97 -4.15 -13.70
C LEU A 81 2.73 -5.44 -14.01
N ARG A 82 4.04 -5.46 -13.80
CA ARG A 82 4.86 -6.68 -13.93
C ARG A 82 5.01 -7.27 -12.53
N LEU A 83 4.44 -8.46 -12.34
CA LEU A 83 4.34 -9.12 -11.01
C LEU A 83 5.02 -10.51 -11.06
N GLY A 84 5.61 -10.87 -9.93
CA GLY A 84 6.11 -12.22 -9.64
C GLY A 84 5.45 -12.77 -8.40
N LEU A 85 5.98 -13.87 -7.87
CA LEU A 85 5.46 -14.44 -6.60
C LEU A 85 6.59 -14.42 -5.56
N THR A 86 6.21 -14.21 -4.32
CA THR A 86 7.12 -14.26 -3.14
C THR A 86 6.34 -14.85 -1.96
N SER A 87 6.80 -14.61 -0.74
CA SER A 87 6.20 -15.22 0.47
C SER A 87 6.55 -14.40 1.68
N TYR A 88 5.78 -14.58 2.75
CA TYR A 88 6.10 -14.02 4.09
C TYR A 88 7.53 -14.47 4.49
N ARG A 89 7.80 -15.78 4.40
CA ARG A 89 9.14 -16.32 4.78
C ARG A 89 10.26 -15.60 4.04
N ASP A 90 10.10 -15.38 2.74
CA ASP A 90 11.18 -14.75 1.95
C ASP A 90 11.30 -13.27 2.36
N PHE A 91 10.18 -12.62 2.66
CA PHE A 91 10.20 -11.23 3.23
C PHE A 91 11.02 -11.21 4.52
N LEU A 92 10.78 -12.12 5.47
CA LEU A 92 11.49 -12.07 6.78
C LEU A 92 13.00 -12.28 6.56
N GLY A 93 13.39 -13.04 5.54
CA GLY A 93 14.80 -13.38 5.29
C GLY A 93 15.53 -12.37 4.41
N THR A 94 14.83 -11.34 3.91
CA THR A 94 15.46 -10.39 2.94
C THR A 94 15.16 -8.96 3.38
N ASN A 95 14.02 -8.37 3.04
CA ASN A 95 13.66 -6.97 3.42
C ASN A 95 13.78 -6.72 4.94
N TRP A 96 13.37 -7.67 5.78
CA TRP A 96 13.32 -7.53 7.27
C TRP A 96 14.67 -7.94 7.88
N SER A 97 15.58 -8.56 7.12
CA SER A 97 16.94 -8.96 7.59
C SER A 97 17.78 -7.73 7.99
N SER A 98 18.62 -7.89 9.02
CA SER A 98 19.54 -6.81 9.44
C SER A 98 20.50 -6.46 8.30
N SER A 99 20.72 -7.40 7.38
N SER A 99 20.76 -7.38 7.37
CA SER A 99 21.67 -7.26 6.24
CA SER A 99 21.71 -7.15 6.24
C SER A 99 20.97 -6.76 4.96
C SER A 99 20.99 -6.75 4.95
N ALA A 100 19.73 -6.27 5.04
CA ALA A 100 18.95 -5.89 3.82
C ALA A 100 19.76 -4.86 2.98
N ALA A 101 20.47 -3.90 3.59
CA ALA A 101 21.22 -2.89 2.80
C ALA A 101 22.33 -3.61 2.02
N TRP A 102 22.97 -4.64 2.60
CA TRP A 102 24.05 -5.38 1.88
C TRP A 102 23.45 -6.07 0.64
N LEU A 103 22.26 -6.67 0.78
CA LEU A 103 21.54 -7.30 -0.36
C LEU A 103 21.22 -6.27 -1.45
N ARG A 104 20.84 -5.04 -1.10
CA ARG A 104 20.56 -3.97 -2.11
C ARG A 104 21.85 -3.62 -2.87
N GLN A 105 22.98 -3.49 -2.17
CA GLN A 105 24.30 -3.17 -2.83
C GLN A 105 24.71 -4.32 -3.77
N GLN A 106 24.53 -5.56 -3.32
N GLN A 106 24.52 -5.57 -3.34
CA GLN A 106 24.89 -6.77 -4.10
CA GLN A 106 24.93 -6.76 -4.13
C GLN A 106 24.04 -6.85 -5.37
C GLN A 106 24.04 -6.87 -5.38
N GLY A 107 22.75 -6.53 -5.24
CA GLY A 107 21.83 -6.52 -6.40
C GLY A 107 22.24 -5.47 -7.44
N ALA A 108 22.64 -4.27 -7.01
CA ALA A 108 23.19 -3.22 -7.91
C ALA A 108 24.44 -3.75 -8.64
N THR A 109 25.35 -4.39 -7.91
CA THR A 109 26.61 -4.95 -8.48
C THR A 109 26.31 -6.03 -9.51
N ASP A 110 25.55 -7.06 -9.15
CA ASP A 110 25.36 -8.30 -9.93
C ASP A 110 24.34 -8.11 -11.07
N TRP A 111 23.25 -7.35 -10.88
CA TRP A 111 22.07 -7.32 -11.78
C TRP A 111 21.74 -5.90 -12.25
N GLY A 112 22.45 -4.88 -11.79
CA GLY A 112 22.07 -3.46 -11.94
C GLY A 112 20.66 -3.17 -11.43
N ASP A 113 20.29 -3.76 -10.30
CA ASP A 113 18.90 -3.70 -9.77
C ASP A 113 18.98 -3.82 -8.24
N THR A 114 18.79 -2.72 -7.52
CA THR A 114 18.90 -2.71 -6.03
C THR A 114 17.92 -3.71 -5.41
N GLN A 115 16.81 -4.04 -6.10
CA GLN A 115 15.78 -4.94 -5.53
C GLN A 115 15.97 -6.43 -5.93
N ALA A 116 16.98 -6.82 -6.72
CA ALA A 116 17.02 -8.16 -7.36
C ALA A 116 16.98 -9.28 -6.29
N TYR A 117 17.58 -9.09 -5.12
CA TYR A 117 17.71 -10.10 -4.05
C TYR A 117 16.64 -9.90 -2.96
N LEU A 118 15.68 -8.97 -3.16
CA LEU A 118 14.63 -8.67 -2.14
C LEU A 118 13.28 -9.28 -2.51
N ALA A 119 12.59 -9.83 -1.51
CA ALA A 119 11.22 -10.39 -1.69
C ALA A 119 10.26 -9.33 -2.25
N ASP A 120 10.22 -8.12 -1.70
CA ASP A 120 9.39 -6.98 -2.19
C ASP A 120 7.92 -7.40 -2.38
N PRO A 121 7.27 -7.95 -1.34
CA PRO A 121 5.82 -8.22 -1.41
C PRO A 121 5.02 -6.92 -1.66
N LEU A 122 4.01 -7.00 -2.52
CA LEU A 122 3.14 -5.83 -2.86
C LEU A 122 2.07 -5.63 -1.77
N GLY A 123 2.06 -4.47 -1.11
CA GLY A 123 0.98 -4.08 -0.21
C GLY A 123 -0.13 -3.32 -0.92
N VAL A 124 -1.29 -3.21 -0.27
CA VAL A 124 -2.38 -2.29 -0.71
C VAL A 124 -2.75 -1.37 0.46
N GLY A 125 -3.06 -0.11 0.18
CA GLY A 125 -3.61 0.85 1.18
C GLY A 125 -4.67 1.74 0.57
N ALA A 126 -5.53 2.34 1.38
CA ALA A 126 -6.59 3.23 0.89
C ALA A 126 -6.57 4.58 1.61
N ALA A 127 -6.75 5.64 0.81
CA ALA A 127 -7.34 6.92 1.23
C ALA A 127 -8.85 6.72 1.18
N LEU A 128 -9.45 6.51 2.35
CA LEU A 128 -10.89 6.16 2.46
C LEU A 128 -11.66 7.42 2.91
N ALA A 129 -12.52 7.98 2.07
CA ALA A 129 -13.22 9.26 2.34
C ALA A 129 -14.66 8.97 2.79
N THR A 130 -15.17 9.73 3.75
CA THR A 130 -16.55 9.65 4.28
C THR A 130 -17.49 10.58 3.49
N ALA A 131 -18.80 10.40 3.67
CA ALA A 131 -19.84 11.18 2.97
C ALA A 131 -19.74 12.65 3.39
N ASP A 132 -19.25 12.94 4.59
CA ASP A 132 -19.06 14.30 5.17
C ASP A 132 -17.62 14.86 5.04
N ASP A 133 -16.85 14.27 4.11
N ASP A 133 -16.81 14.25 4.18
CA ASP A 133 -15.54 14.78 3.60
CA ASP A 133 -15.57 14.87 3.65
C ASP A 133 -14.50 14.74 4.72
C ASP A 133 -14.40 14.73 4.63
N PHE A 134 -14.25 13.55 5.26
CA PHE A 134 -13.06 13.24 6.11
C PHE A 134 -12.32 12.03 5.52
N LEU A 135 -11.01 11.94 5.70
CA LEU A 135 -10.27 10.65 5.54
C LEU A 135 -10.15 9.91 6.87
N VAL A 136 -10.07 8.58 6.77
CA VAL A 136 -10.05 7.59 7.89
C VAL A 136 -8.63 7.19 8.26
N PHE A 137 -8.25 7.33 9.54
CA PHE A 137 -6.94 6.90 10.09
C PHE A 137 -7.12 5.85 11.22
N LEU A 138 -6.11 5.01 11.40
CA LEU A 138 -6.10 3.88 12.38
C LEU A 138 -4.82 3.94 13.21
N ARG A 139 -4.90 3.69 14.52
CA ARG A 139 -3.67 3.72 15.39
C ARG A 139 -3.16 2.29 15.54
N ARG A 140 -1.87 2.05 15.27
CA ARG A 140 -1.25 0.71 15.39
C ARG A 140 -0.98 0.41 16.88
N SER A 141 -1.19 -0.84 17.29
CA SER A 141 -0.74 -1.39 18.61
C SER A 141 0.73 -1.03 18.85
N ARG A 142 1.12 -0.71 20.09
CA ARG A 142 2.52 -0.45 20.52
C ARG A 142 3.26 -1.78 20.70
N GLN A 143 2.60 -2.94 20.51
CA GLN A 143 3.19 -4.27 20.84
C GLN A 143 3.56 -5.07 19.57
N VAL A 144 3.22 -4.59 18.37
CA VAL A 144 3.54 -5.31 17.09
C VAL A 144 4.98 -4.98 16.67
N ALA A 145 5.53 -5.71 15.70
CA ALA A 145 6.96 -5.66 15.32
C ALA A 145 7.21 -4.52 14.34
N GLU A 146 6.28 -4.28 13.40
CA GLU A 146 6.41 -3.22 12.37
C GLU A 146 5.68 -1.94 12.81
N ALA A 147 6.40 -0.83 12.83
CA ALA A 147 5.85 0.54 12.99
C ALA A 147 4.98 0.58 14.25
N PRO A 148 5.46 0.11 15.43
CA PRO A 148 4.63 0.11 16.63
C PRO A 148 4.19 1.52 17.05
N GLY A 149 2.93 1.60 17.39
CA GLY A 149 2.31 2.83 17.93
C GLY A 149 2.11 3.90 16.90
N LEU A 150 2.38 3.64 15.60
CA LEU A 150 2.27 4.71 14.58
C LEU A 150 0.84 4.76 14.00
N VAL A 151 0.56 5.86 13.30
CA VAL A 151 -0.72 6.03 12.55
C VAL A 151 -0.64 5.32 11.19
N ASP A 152 -1.69 4.60 10.80
CA ASP A 152 -1.81 3.94 9.49
C ASP A 152 -3.13 4.31 8.79
N VAL A 153 -3.28 3.86 7.54
CA VAL A 153 -4.60 3.89 6.84
C VAL A 153 -5.02 2.44 6.67
N PRO A 154 -6.28 2.14 6.27
CA PRO A 154 -6.67 0.75 6.01
C PRO A 154 -5.83 0.09 4.91
N GLY A 155 -5.52 -1.19 5.07
CA GLY A 155 -4.79 -1.91 4.01
C GLY A 155 -4.25 -3.25 4.47
N GLY A 156 -3.42 -3.88 3.64
CA GLY A 156 -2.88 -5.20 3.97
C GLY A 156 -2.00 -5.72 2.85
N HIS A 157 -1.64 -7.00 2.86
CA HIS A 157 -0.69 -7.58 1.86
C HIS A 157 -1.40 -8.77 1.22
N PRO A 158 -2.03 -8.62 0.04
CA PRO A 158 -2.90 -9.66 -0.53
C PRO A 158 -2.18 -10.99 -0.87
N GLU A 159 -2.92 -12.10 -0.78
CA GLU A 159 -2.42 -13.49 -0.98
C GLU A 159 -3.00 -14.03 -2.29
N PRO A 160 -2.16 -14.44 -3.27
CA PRO A 160 -2.63 -15.10 -4.49
C PRO A 160 -3.59 -16.30 -4.33
N GLN A 161 -4.63 -16.36 -5.19
CA GLN A 161 -5.82 -17.27 -5.13
C GLN A 161 -6.07 -17.78 -3.71
N ASP A 173 -2.85 -11.04 -20.77
CA ASP A 173 -3.75 -10.57 -19.68
C ASP A 173 -4.75 -11.69 -19.33
N LEU A 174 -4.44 -12.96 -19.62
CA LEU A 174 -5.49 -14.00 -19.53
C LEU A 174 -5.45 -14.75 -18.19
N ALA A 175 -4.37 -14.70 -17.42
CA ALA A 175 -4.43 -14.84 -15.94
C ALA A 175 -4.30 -13.44 -15.29
N GLY A 176 -3.73 -12.47 -16.04
CA GLY A 176 -3.61 -11.01 -15.76
C GLY A 176 -4.87 -10.37 -15.16
N GLN A 177 -6.01 -10.53 -15.80
CA GLN A 177 -7.25 -9.79 -15.42
C GLN A 177 -7.75 -10.35 -14.08
N LEU A 178 -7.51 -11.63 -13.80
CA LEU A 178 -7.95 -12.19 -12.49
C LEU A 178 -7.05 -11.62 -11.39
N VAL A 179 -5.78 -11.41 -11.68
CA VAL A 179 -4.83 -10.84 -10.69
C VAL A 179 -5.23 -9.38 -10.40
N VAL A 180 -5.50 -8.59 -11.41
CA VAL A 180 -5.95 -7.18 -11.18
C VAL A 180 -7.22 -7.22 -10.34
N HIS A 181 -8.20 -8.08 -10.68
CA HIS A 181 -9.44 -8.23 -9.88
C HIS A 181 -9.13 -8.50 -8.40
N GLU A 182 -8.21 -9.43 -8.10
N GLU A 182 -8.20 -9.42 -8.15
CA GLU A 182 -7.87 -9.77 -6.68
CA GLU A 182 -7.76 -9.82 -6.78
C GLU A 182 -7.25 -8.55 -6.00
C GLU A 182 -7.23 -8.59 -6.04
N LEU A 183 -6.42 -7.76 -6.71
CA LEU A 183 -5.81 -6.56 -6.07
C LEU A 183 -6.90 -5.54 -5.65
N PHE A 184 -7.81 -5.18 -6.56
CA PHE A 184 -8.93 -4.25 -6.29
C PHE A 184 -9.88 -4.83 -5.20
N SER A 185 -10.21 -6.12 -5.31
N SER A 185 -10.19 -6.12 -5.26
CA SER A 185 -11.06 -6.82 -4.31
CA SER A 185 -11.12 -6.74 -4.26
C SER A 185 -10.43 -6.75 -2.91
C SER A 185 -10.45 -6.83 -2.88
N SER A 186 -9.12 -6.97 -2.82
CA SER A 186 -8.39 -7.09 -1.54
C SER A 186 -8.46 -5.77 -0.77
N VAL A 187 -8.41 -4.61 -1.45
CA VAL A 187 -8.43 -3.32 -0.67
C VAL A 187 -9.84 -3.14 -0.05
N LEU A 188 -10.91 -3.50 -0.76
CA LEU A 188 -12.28 -3.48 -0.17
C LEU A 188 -12.40 -4.49 0.98
N GLN A 189 -11.95 -5.73 0.79
CA GLN A 189 -12.02 -6.77 1.85
C GLN A 189 -11.29 -6.27 3.10
N GLU A 190 -10.12 -5.64 2.98
CA GLU A 190 -9.29 -5.13 4.13
C GLU A 190 -10.08 -4.02 4.85
N ILE A 191 -10.81 -3.15 4.12
CA ILE A 191 -11.69 -2.13 4.75
C ILE A 191 -12.83 -2.82 5.51
N CYS A 192 -13.50 -3.81 4.91
CA CYS A 192 -14.61 -4.53 5.58
C CYS A 192 -14.08 -5.25 6.83
N ASP A 193 -12.94 -5.92 6.74
CA ASP A 193 -12.42 -6.75 7.86
C ASP A 193 -11.97 -5.87 9.03
N GLU A 194 -11.28 -4.75 8.80
CA GLU A 194 -10.67 -3.93 9.89
C GLU A 194 -11.62 -2.81 10.32
N VAL A 195 -12.36 -2.17 9.41
CA VAL A 195 -13.19 -0.99 9.76
C VAL A 195 -14.62 -1.49 10.04
N ASN A 196 -14.98 -2.72 9.68
CA ASN A 196 -16.30 -3.33 9.98
C ASN A 196 -17.42 -2.63 9.18
N LEU A 197 -17.11 -2.12 7.99
CA LEU A 197 -18.09 -1.43 7.12
C LEU A 197 -18.75 -2.45 6.20
N PRO A 198 -20.05 -2.25 5.90
CA PRO A 198 -20.69 -3.09 4.90
C PRO A 198 -20.11 -2.82 3.51
N LEU A 199 -19.90 -3.88 2.73
CA LEU A 199 -19.32 -3.80 1.35
C LEU A 199 -20.15 -2.85 0.49
N LEU A 200 -21.48 -2.84 0.65
CA LEU A 200 -22.36 -2.00 -0.20
C LEU A 200 -22.28 -0.52 0.13
N THR A 201 -21.54 -0.08 1.16
CA THR A 201 -21.34 1.37 1.42
C THR A 201 -20.08 1.86 0.71
N LEU A 202 -19.33 0.99 0.01
CA LEU A 202 -18.02 1.34 -0.63
C LEU A 202 -18.10 1.48 -2.17
N SER A 203 -17.44 2.50 -2.73
CA SER A 203 -17.26 2.73 -4.20
C SER A 203 -16.28 1.70 -4.78
N GLN A 204 -16.31 1.45 -6.09
CA GLN A 204 -15.20 0.74 -6.75
C GLN A 204 -13.93 1.56 -6.54
N PRO A 205 -12.79 0.93 -6.15
CA PRO A 205 -11.56 1.70 -5.92
C PRO A 205 -10.98 2.35 -7.21
N LEU A 206 -10.25 3.46 -7.07
CA LEU A 206 -9.37 3.95 -8.14
C LEU A 206 -7.93 3.82 -7.69
N LEU A 207 -7.03 3.33 -8.55
CA LEU A 207 -5.58 3.33 -8.21
C LEU A 207 -5.00 4.75 -8.32
N LEU A 208 -4.46 5.29 -7.22
CA LEU A 208 -3.81 6.63 -7.23
C LEU A 208 -2.35 6.53 -7.68
N GLY A 209 -1.62 5.47 -7.32
CA GLY A 209 -0.20 5.31 -7.62
C GLY A 209 0.42 4.21 -6.80
N ILE A 210 1.75 4.15 -6.81
CA ILE A 210 2.55 3.15 -6.05
C ILE A 210 3.64 3.93 -5.28
N ALA A 211 3.81 3.61 -3.99
CA ALA A 211 4.83 4.23 -3.10
C ALA A 211 5.74 3.14 -2.55
N ARG A 212 7.03 3.46 -2.35
CA ARG A 212 8.01 2.54 -1.73
C ARG A 212 8.39 3.00 -0.31
N ASN A 213 8.54 2.04 0.61
CA ASN A 213 8.95 2.19 2.03
C ASN A 213 10.46 1.90 2.09
N GLU A 214 11.28 2.93 2.14
CA GLU A 214 12.77 2.83 2.20
C GLU A 214 13.24 2.34 3.59
N THR A 215 12.40 2.38 4.63
CA THR A 215 12.73 1.79 5.96
C THR A 215 12.54 0.27 5.93
N SER A 216 11.82 -0.27 4.95
CA SER A 216 11.69 -1.72 4.73
C SER A 216 12.36 -2.12 3.40
N ALA A 217 13.53 -1.53 3.08
CA ALA A 217 14.44 -1.92 1.97
C ALA A 217 13.75 -1.75 0.61
N GLY A 218 12.73 -0.88 0.53
CA GLY A 218 12.12 -0.47 -0.74
C GLY A 218 10.90 -1.26 -1.13
N ARG A 219 10.27 -2.01 -0.20
CA ARG A 219 9.03 -2.74 -0.58
C ARG A 219 7.87 -1.77 -0.86
N ALA A 220 7.07 -2.10 -1.88
CA ALA A 220 6.12 -1.14 -2.50
C ALA A 220 4.68 -1.45 -2.05
N SER A 221 3.84 -0.43 -2.01
CA SER A 221 2.38 -0.57 -1.79
C SER A 221 1.62 0.17 -2.89
N ALA A 222 0.61 -0.48 -3.47
CA ALA A 222 -0.38 0.20 -4.33
C ALA A 222 -1.38 0.98 -3.49
N GLU A 223 -1.55 2.28 -3.75
CA GLU A 223 -2.40 3.16 -2.93
C GLU A 223 -3.66 3.56 -3.70
N PHE A 224 -4.84 3.36 -3.10
CA PHE A 224 -6.17 3.47 -3.79
C PHE A 224 -7.02 4.59 -3.15
N TYR A 225 -7.97 5.16 -3.88
CA TYR A 225 -9.01 6.08 -3.34
C TYR A 225 -10.32 5.28 -3.29
N VAL A 226 -11.00 5.28 -2.15
CA VAL A 226 -12.32 4.62 -1.96
C VAL A 226 -13.24 5.63 -1.27
N GLN A 227 -14.46 5.75 -1.77
N GLN A 227 -14.45 5.81 -1.79
CA GLN A 227 -15.49 6.64 -1.18
CA GLN A 227 -15.49 6.68 -1.15
C GLN A 227 -16.47 5.77 -0.40
C GLN A 227 -16.46 5.78 -0.40
N CYS A 228 -16.90 6.22 0.79
CA CYS A 228 -17.91 5.54 1.61
C CYS A 228 -19.17 6.43 1.64
N SER A 229 -20.34 5.81 1.60
CA SER A 229 -21.64 6.54 1.65
C SER A 229 -22.04 6.92 3.09
N LEU A 230 -21.31 6.43 4.10
CA LEU A 230 -21.56 6.73 5.53
C LEU A 230 -20.76 7.98 5.96
N THR A 231 -21.32 8.73 6.91
CA THR A 231 -20.61 9.84 7.60
C THR A 231 -19.55 9.32 8.58
N SER A 232 -18.61 10.18 8.98
CA SER A 232 -17.56 9.89 9.98
C SER A 232 -18.20 9.30 11.26
N GLU A 233 -19.34 9.86 11.74
CA GLU A 233 -20.00 9.32 12.96
C GLU A 233 -20.47 7.88 12.74
N GLN A 234 -21.05 7.60 11.58
CA GLN A 234 -21.53 6.24 11.25
C GLN A 234 -20.35 5.29 11.10
N VAL A 235 -19.23 5.72 10.46
CA VAL A 235 -18.03 4.83 10.31
C VAL A 235 -17.47 4.47 11.70
N ARG A 236 -17.37 5.45 12.61
CA ARG A 236 -16.90 5.25 14.01
C ARG A 236 -17.77 4.20 14.71
N LYS A 237 -19.10 4.35 14.62
CA LYS A 237 -20.05 3.39 15.25
C LYS A 237 -19.76 1.97 14.72
N HIS A 238 -19.61 1.77 13.40
CA HIS A 238 -19.39 0.43 12.82
C HIS A 238 -18.07 -0.15 13.38
N TYR A 239 -16.96 0.61 13.32
CA TYR A 239 -15.63 0.18 13.82
C TYR A 239 -15.78 -0.26 15.29
N LEU A 240 -16.39 0.56 16.13
CA LEU A 240 -16.41 0.34 17.60
C LEU A 240 -17.32 -0.85 17.94
N SER A 241 -18.40 -1.06 17.18
CA SER A 241 -19.44 -2.07 17.49
C SER A 241 -18.90 -3.48 17.27
N GLY A 242 -17.74 -3.62 16.61
CA GLY A 242 -17.05 -4.92 16.50
C GLY A 242 -16.44 -5.34 17.84
N GLY A 243 -16.05 -4.39 18.67
CA GLY A 243 -15.35 -4.70 19.94
C GLY A 243 -13.87 -4.91 19.70
N PRO A 244 -13.05 -5.00 20.77
CA PRO A 244 -11.59 -5.01 20.62
C PRO A 244 -11.03 -6.17 19.77
N GLU A 245 -11.72 -7.31 19.70
CA GLU A 245 -11.26 -8.51 18.92
C GLU A 245 -11.62 -8.41 17.43
N ALA A 246 -12.40 -7.41 17.02
CA ALA A 246 -12.83 -7.29 15.60
C ALA A 246 -11.82 -6.48 14.78
N HIS A 247 -10.80 -5.88 15.41
CA HIS A 247 -9.77 -5.06 14.70
C HIS A 247 -8.37 -5.26 15.28
N GLU A 248 -7.33 -5.20 14.43
CA GLU A 248 -5.91 -5.26 14.84
C GLU A 248 -5.48 -3.89 15.43
N SER A 249 -6.00 -2.80 14.87
CA SER A 249 -5.70 -1.42 15.36
C SER A 249 -6.28 -1.21 16.77
N THR A 250 -5.85 -0.14 17.47
CA THR A 250 -6.31 0.19 18.85
C THR A 250 -7.23 1.42 18.90
N GLY A 251 -7.44 2.07 17.76
CA GLY A 251 -8.32 3.25 17.67
C GLY A 251 -8.50 3.71 16.22
N ILE A 252 -9.54 4.51 16.01
CA ILE A 252 -9.94 5.13 14.69
C ILE A 252 -10.04 6.65 14.92
N PHE A 253 -9.72 7.43 13.90
CA PHE A 253 -9.95 8.90 13.94
C PHE A 253 -10.03 9.46 12.51
N PHE A 254 -10.42 10.73 12.38
CA PHE A 254 -10.84 11.34 11.09
C PHE A 254 -10.20 12.72 10.95
N VAL A 255 -9.69 13.07 9.75
CA VAL A 255 -9.17 14.42 9.43
C VAL A 255 -9.93 14.98 8.23
N GLU A 256 -10.43 16.21 8.33
CA GLU A 256 -11.20 16.79 7.19
C GLU A 256 -10.32 16.74 5.94
N THR A 257 -10.89 16.53 4.74
CA THR A 257 -10.10 16.55 3.49
C THR A 257 -9.49 17.95 3.31
N GLN A 258 -10.19 19.00 3.77
CA GLN A 258 -9.65 20.37 3.78
C GLN A 258 -8.25 20.43 4.41
N ASN A 259 -8.05 19.71 5.51
CA ASN A 259 -6.83 19.77 6.38
C ASN A 259 -5.77 18.75 5.91
N VAL A 260 -6.16 17.73 5.14
CA VAL A 260 -5.16 16.74 4.60
C VAL A 260 -4.16 17.45 3.69
N ARG A 261 -4.59 18.50 2.97
CA ARG A 261 -3.72 19.31 2.11
C ARG A 261 -2.41 19.70 2.82
N ARG A 262 -2.47 20.14 4.09
CA ARG A 262 -1.26 20.62 4.82
C ARG A 262 -0.79 19.61 5.88
N LEU A 263 -1.24 18.36 5.82
CA LEU A 263 -0.82 17.36 6.83
C LEU A 263 0.71 17.25 6.99
N PRO A 264 1.55 17.34 5.92
CA PRO A 264 3.00 17.25 6.11
C PRO A 264 3.63 18.38 6.96
N GLU A 265 2.87 19.45 7.22
CA GLU A 265 3.31 20.58 8.08
C GLU A 265 2.85 20.41 9.54
N THR A 266 2.09 19.36 9.86
CA THR A 266 1.50 19.12 11.20
C THR A 266 2.38 18.18 12.03
N GLU A 267 2.14 18.12 13.34
CA GLU A 267 2.82 17.17 14.26
C GLU A 267 2.34 15.74 14.01
N MET A 268 1.21 15.54 13.31
CA MET A 268 0.70 14.17 12.98
C MET A 268 1.68 13.49 12.00
N TRP A 269 2.36 14.26 11.15
CA TRP A 269 3.20 13.71 10.05
C TRP A 269 4.29 12.79 10.62
N ALA A 270 4.91 13.20 11.74
CA ALA A 270 6.01 12.41 12.36
C ALA A 270 5.49 11.10 12.95
N GLU A 271 4.18 10.93 13.13
CA GLU A 271 3.55 9.72 13.70
C GLU A 271 3.04 8.78 12.59
N LEU A 272 3.02 9.20 11.34
CA LEU A 272 2.49 8.35 10.22
C LEU A 272 3.56 7.34 9.78
N CYS A 273 3.19 6.09 9.64
CA CYS A 273 4.08 5.05 9.03
C CYS A 273 4.29 5.33 7.54
N PRO A 274 5.42 4.86 6.96
CA PRO A 274 5.77 5.24 5.59
C PRO A 274 4.69 4.96 4.53
N SER A 275 4.00 3.82 4.59
CA SER A 275 2.99 3.44 3.57
C SER A 275 1.77 4.38 3.68
N ALA A 276 1.40 4.80 4.90
CA ALA A 276 0.34 5.82 5.08
C ALA A 276 0.80 7.18 4.55
N LYS A 277 2.06 7.60 4.75
CA LYS A 277 2.56 8.85 4.13
C LYS A 277 2.40 8.75 2.58
N GLY A 278 2.73 7.56 2.01
CA GLY A 278 2.54 7.36 0.56
C GLY A 278 1.10 7.59 0.10
N ALA A 279 0.12 7.01 0.82
CA ALA A 279 -1.32 7.18 0.54
C ALA A 279 -1.70 8.65 0.55
N ILE A 280 -1.23 9.41 1.54
CA ILE A 280 -1.66 10.84 1.68
C ILE A 280 -0.97 11.74 0.66
N ILE A 281 0.31 11.51 0.34
CA ILE A 281 1.00 12.25 -0.77
C ILE A 281 0.24 12.02 -2.09
N LEU A 282 -0.06 10.75 -2.42
CA LEU A 282 -0.75 10.43 -3.70
C LEU A 282 -2.19 10.99 -3.67
N TYR A 283 -2.92 10.95 -2.55
CA TYR A 283 -4.27 11.55 -2.46
C TYR A 283 -4.14 13.05 -2.79
N ASN A 284 -3.17 13.71 -2.20
CA ASN A 284 -3.05 15.19 -2.38
C ASN A 284 -2.67 15.50 -3.85
N ARG A 285 -1.84 14.69 -4.50
CA ARG A 285 -1.35 14.99 -5.88
C ARG A 285 -2.41 14.62 -6.93
N VAL A 286 -3.17 13.56 -6.70
CA VAL A 286 -4.03 12.92 -7.74
C VAL A 286 -5.50 13.31 -7.57
N GLN A 287 -6.09 13.25 -6.35
CA GLN A 287 -7.50 13.67 -6.11
C GLN A 287 -7.53 15.16 -5.73
N GLY A 288 -6.67 15.63 -4.85
CA GLY A 288 -6.52 17.07 -4.59
C GLY A 288 -5.85 17.72 -5.79
N SER A 289 -5.24 18.89 -5.62
CA SER A 289 -4.47 19.62 -6.66
C SER A 289 -5.32 19.79 -7.93
N PRO A 290 -6.38 20.64 -7.91
CA PRO A 290 -7.23 20.85 -9.07
C PRO A 290 -6.49 21.51 -10.26
N THR A 291 -6.92 21.23 -11.50
CA THR A 291 -6.28 21.76 -12.74
C THR A 291 -7.17 22.81 -13.43
N GLY A 292 -8.47 22.93 -13.11
CA GLY A 292 -9.41 23.81 -13.84
C GLY A 292 -9.64 25.17 -13.16
N ALA A 293 -10.30 26.08 -13.87
CA ALA A 293 -10.52 27.49 -13.44
C ALA A 293 -11.42 27.59 -12.20
N ALA A 294 -12.51 26.83 -12.13
CA ALA A 294 -13.46 26.85 -10.99
C ALA A 294 -12.77 26.42 -9.69
N LEU A 295 -12.25 25.18 -9.60
CA LEU A 295 -11.70 24.66 -8.31
C LEU A 295 -10.33 25.30 -8.00
N GLY A 296 -9.65 25.86 -9.02
CA GLY A 296 -8.36 26.57 -8.89
C GLY A 296 -8.52 28.03 -8.48
N SER A 297 -9.74 28.57 -8.44
CA SER A 297 -10.02 29.98 -8.05
C SER A 297 -9.59 30.20 -6.58
N PRO A 298 -9.03 31.39 -6.20
CA PRO A 298 -8.50 31.55 -4.83
C PRO A 298 -9.43 31.30 -3.62
N ALA A 299 -10.73 31.57 -3.74
CA ALA A 299 -11.66 31.33 -2.60
C ALA A 299 -11.84 29.81 -2.38
N LEU A 300 -11.71 28.98 -3.43
CA LEU A 300 -11.80 27.49 -3.30
C LEU A 300 -10.42 26.83 -3.11
N LEU A 301 -9.32 27.45 -3.56
CA LEU A 301 -7.93 26.92 -3.39
C LEU A 301 -7.12 28.00 -2.70
N PRO A 302 -7.22 28.12 -1.36
CA PRO A 302 -6.60 29.23 -0.66
C PRO A 302 -5.08 29.21 -0.84
N PRO A 303 -4.43 30.35 -1.18
CA PRO A 303 -2.98 30.38 -1.32
C PRO A 303 -2.22 30.03 -0.03
N LEU A 304 -1.16 29.21 -0.12
CA LEU A 304 -0.22 28.88 0.98
C LEU A 304 -0.69 27.64 1.75
#